data_7B4S
#
_entry.id   7B4S
#
_cell.length_a   62.838
_cell.length_b   83.318
_cell.length_c   56.092
_cell.angle_alpha   90.000
_cell.angle_beta   90.000
_cell.angle_gamma   90.000
#
_symmetry.space_group_name_H-M   'P 21 21 2'
#
loop_
_entity.id
_entity.type
_entity.pdbx_description
1 polymer "Possible 4'-phosphopantetheinyl transferase"
2 non-polymer 5-[(4-chlorophenyl)methyl]-6-[[2-(dimethylamino)ethylamino]methyl]-4-oxidanyl-1~{H}-pyrimidine-2-thione
3 non-polymer 'COENZYME A'
4 non-polymer 'MANGANESE (II) ION'
5 water water
#
_entity_poly.entity_id   1
_entity_poly.type   'polypeptide(L)'
_entity_poly.pdbx_seq_one_letter_code
;MPVTDQLIASVVPELLPSAELYEDPPGLEPLPEEEPLIAKSVAKRRNEFITVRYCARQALSVLGIPEVPILKGDKGQPLW
PDGIVGSMTHTEGFRGAVVGRTGEVRSVGIDAEPHDVLPNGVLKSIALPVERDELDALPAGTHWDRLLFCAKETTYKAWF
PLTARWLGFEDAHITIDPDGTFTSRILVDGRANDGTVLSAFDGRWIIDKGLILTAIVVPKLAAALEHHHHHH
;
_entity_poly.pdbx_strand_id   A
#
loop_
_chem_comp.id
_chem_comp.type
_chem_comp.name
_chem_comp.formula
COA non-polymer 'COENZYME A' 'C21 H36 N7 O16 P3 S'
MN non-polymer 'MANGANESE (II) ION' 'Mn 2'
P62 non-polymer 5-[(4-chlorophenyl)methyl]-6-[[2-(dimethylamino)ethylamino]methyl]-4-oxidanyl-1~{H}-pyrimidine-2-thione 'C16 H21 Cl N4 O S'
#
# COMPACT_ATOMS: atom_id res chain seq x y z
N ASP A 5 0.10 -11.91 -14.05
CA ASP A 5 0.46 -10.71 -14.79
C ASP A 5 0.30 -9.46 -13.91
N GLN A 6 -0.80 -9.38 -13.14
CA GLN A 6 -1.03 -8.22 -12.29
C GLN A 6 -0.05 -8.15 -11.14
N LEU A 7 0.44 -6.94 -10.85
CA LEU A 7 1.46 -6.73 -9.84
C LEU A 7 0.93 -7.03 -8.45
N ILE A 8 -0.21 -6.43 -8.06
CA ILE A 8 -0.72 -6.67 -6.69
C ILE A 8 -1.04 -8.13 -6.44
N ALA A 9 -1.72 -8.76 -7.42
CA ALA A 9 -2.08 -10.17 -7.26
C ALA A 9 -0.88 -11.08 -7.01
N SER A 10 0.31 -10.72 -7.52
N SER A 10 0.31 -10.68 -7.53
CA SER A 10 1.50 -11.53 -7.32
CA SER A 10 1.57 -11.42 -7.38
C SER A 10 2.05 -11.43 -5.90
C SER A 10 2.19 -11.31 -5.99
N VAL A 11 1.76 -10.35 -5.16
CA VAL A 11 2.35 -10.14 -3.83
C VAL A 11 1.38 -10.18 -2.65
N VAL A 12 0.10 -10.54 -2.89
CA VAL A 12 -0.87 -10.69 -1.80
C VAL A 12 -1.57 -12.05 -1.95
N PRO A 13 -2.09 -12.61 -0.83
CA PRO A 13 -2.79 -13.91 -0.94
C PRO A 13 -4.09 -13.79 -1.74
N GLU A 14 -4.54 -14.95 -2.25
CA GLU A 14 -5.75 -15.07 -3.05
C GLU A 14 -7.01 -14.57 -2.32
N LEU A 15 -7.02 -14.68 -1.00
N LEU A 15 -7.07 -14.69 -0.98
CA LEU A 15 -8.10 -14.22 -0.14
CA LEU A 15 -8.24 -14.21 -0.24
C LEU A 15 -8.35 -12.71 -0.21
C LEU A 15 -8.37 -12.68 -0.22
N LEU A 16 -7.38 -11.93 -0.76
CA LEU A 16 -7.49 -10.48 -0.84
C LEU A 16 -7.63 -10.04 -2.30
N PRO A 17 -8.85 -9.85 -2.80
N PRO A 17 -8.86 -9.84 -2.80
CA PRO A 17 -9.02 -9.42 -4.20
CA PRO A 17 -9.02 -9.43 -4.19
C PRO A 17 -8.36 -8.07 -4.44
C PRO A 17 -8.40 -8.06 -4.46
N SER A 18 -7.80 -7.90 -5.63
CA SER A 18 -7.16 -6.66 -6.00
C SER A 18 -7.55 -6.29 -7.42
N ALA A 19 -7.27 -5.05 -7.80
CA ALA A 19 -7.54 -4.57 -9.14
C ALA A 19 -6.58 -3.44 -9.42
N GLU A 20 -6.13 -3.34 -10.67
CA GLU A 20 -5.17 -2.30 -11.04
C GLU A 20 -5.35 -1.88 -12.50
N LEU A 21 -5.05 -0.60 -12.75
CA LEU A 21 -5.16 -0.01 -14.07
C LEU A 21 -3.92 0.81 -14.26
N TYR A 22 -3.30 0.75 -15.43
CA TYR A 22 -2.06 1.48 -15.69
C TYR A 22 -2.27 2.86 -16.31
N GLU A 23 -3.48 3.10 -16.82
CA GLU A 23 -3.87 4.38 -17.40
C GLU A 23 -5.19 4.82 -16.77
N ASP A 24 -5.60 6.07 -17.03
CA ASP A 24 -6.88 6.55 -16.60
C ASP A 24 -7.83 6.36 -17.79
N PRO A 25 -8.70 5.33 -17.73
CA PRO A 25 -9.62 5.11 -18.87
C PRO A 25 -10.60 6.27 -19.01
N PRO A 26 -11.04 6.57 -20.25
CA PRO A 26 -11.96 7.72 -20.42
C PRO A 26 -13.32 7.49 -19.83
N GLY A 27 -13.90 8.53 -19.27
CA GLY A 27 -15.29 8.50 -18.80
C GLY A 27 -15.56 8.13 -17.37
N LEU A 28 -14.50 7.90 -16.55
CA LEU A 28 -14.77 7.55 -15.15
C LEU A 28 -15.23 8.76 -14.35
N GLU A 29 -15.94 8.49 -13.25
N GLU A 29 -15.97 8.48 -13.27
CA GLU A 29 -16.43 9.56 -12.39
CA GLU A 29 -16.50 9.53 -12.39
C GLU A 29 -16.35 9.14 -10.93
C GLU A 29 -16.35 9.13 -10.93
N PRO A 30 -16.18 10.11 -10.02
CA PRO A 30 -16.23 9.74 -8.58
C PRO A 30 -17.71 9.56 -8.23
N LEU A 31 -17.99 8.93 -7.09
CA LEU A 31 -19.36 8.89 -6.60
C LEU A 31 -19.69 10.32 -6.08
N PRO A 32 -20.98 10.73 -6.06
CA PRO A 32 -21.30 12.10 -5.59
C PRO A 32 -20.72 12.46 -4.22
N GLU A 33 -20.70 11.52 -3.27
CA GLU A 33 -20.16 11.73 -1.94
C GLU A 33 -18.64 11.97 -1.95
N GLU A 34 -17.94 11.46 -2.99
CA GLU A 34 -16.50 11.63 -3.14
C GLU A 34 -16.09 12.92 -3.83
N GLU A 35 -17.00 13.53 -4.60
CA GLU A 35 -16.68 14.74 -5.37
C GLU A 35 -16.11 15.90 -4.51
N PRO A 36 -16.62 16.20 -3.29
CA PRO A 36 -16.04 17.30 -2.50
C PRO A 36 -14.55 17.14 -2.19
N LEU A 37 -14.06 15.89 -2.10
CA LEU A 37 -12.66 15.59 -1.80
C LEU A 37 -11.71 16.03 -2.92
N ILE A 38 -12.21 16.16 -4.16
CA ILE A 38 -11.37 16.58 -5.28
C ILE A 38 -11.94 17.78 -6.07
N ALA A 39 -12.94 18.48 -5.52
CA ALA A 39 -13.62 19.60 -6.16
C ALA A 39 -12.68 20.71 -6.65
N LYS A 40 -11.63 20.98 -5.88
CA LYS A 40 -10.67 22.00 -6.28
C LYS A 40 -9.30 21.44 -6.58
N SER A 41 -9.23 20.17 -6.98
CA SER A 41 -7.97 19.50 -7.28
C SER A 41 -7.62 19.56 -8.76
N VAL A 42 -6.31 19.55 -9.05
CA VAL A 42 -5.84 19.53 -10.43
C VAL A 42 -6.19 18.19 -11.12
N ALA A 43 -6.21 18.19 -12.45
CA ALA A 43 -6.59 17.02 -13.22
C ALA A 43 -5.81 15.74 -12.85
N LYS A 44 -4.51 15.81 -12.63
CA LYS A 44 -3.72 14.64 -12.27
C LYS A 44 -4.21 13.99 -10.98
N ARG A 45 -4.56 14.82 -10.00
CA ARG A 45 -5.05 14.37 -8.71
C ARG A 45 -6.46 13.81 -8.83
N ARG A 46 -7.34 14.51 -9.59
CA ARG A 46 -8.70 13.98 -9.78
C ARG A 46 -8.64 12.60 -10.45
N ASN A 47 -7.80 12.46 -11.48
CA ASN A 47 -7.71 11.18 -12.18
C ASN A 47 -7.19 10.03 -11.35
N GLU A 48 -6.10 10.22 -10.57
CA GLU A 48 -5.60 9.10 -9.76
C GLU A 48 -6.63 8.69 -8.70
N PHE A 49 -7.35 9.69 -8.14
CA PHE A 49 -8.32 9.47 -7.08
C PHE A 49 -9.50 8.69 -7.65
N ILE A 50 -10.01 9.10 -8.82
CA ILE A 50 -11.16 8.43 -9.45
C ILE A 50 -10.81 7.03 -9.91
N THR A 51 -9.68 6.88 -10.63
CA THR A 51 -9.29 5.57 -11.14
C THR A 51 -9.00 4.57 -10.04
N VAL A 52 -8.31 5.02 -8.98
CA VAL A 52 -8.00 4.06 -7.91
C VAL A 52 -9.27 3.59 -7.19
N ARG A 53 -10.28 4.46 -7.08
CA ARG A 53 -11.52 4.08 -6.43
C ARG A 53 -12.36 3.19 -7.34
N TYR A 54 -12.23 3.32 -8.68
CA TYR A 54 -12.89 2.36 -9.58
C TYR A 54 -12.29 0.95 -9.32
N CYS A 55 -10.95 0.88 -9.12
CA CYS A 55 -10.26 -0.37 -8.85
C CYS A 55 -10.72 -0.91 -7.53
N ALA A 56 -10.78 -0.03 -6.50
CA ALA A 56 -11.22 -0.50 -5.17
C ALA A 56 -12.64 -1.03 -5.18
N ARG A 57 -13.53 -0.35 -5.90
CA ARG A 57 -14.91 -0.84 -5.98
C ARG A 57 -14.99 -2.17 -6.74
N GLN A 58 -14.11 -2.41 -7.73
N GLN A 58 -14.11 -2.40 -7.72
CA GLN A 58 -14.09 -3.69 -8.44
CA GLN A 58 -14.10 -3.67 -8.44
C GLN A 58 -13.68 -4.82 -7.48
C GLN A 58 -13.70 -4.80 -7.47
N ALA A 59 -12.65 -4.58 -6.67
CA ALA A 59 -12.17 -5.56 -5.70
C ALA A 59 -13.21 -5.78 -4.61
N LEU A 60 -13.88 -4.69 -4.14
CA LEU A 60 -14.94 -4.82 -3.13
C LEU A 60 -16.10 -5.67 -3.67
N SER A 61 -16.43 -5.50 -4.96
N SER A 61 -16.44 -5.50 -4.95
N SER A 61 -16.42 -5.50 -4.97
CA SER A 61 -17.52 -6.28 -5.54
CA SER A 61 -17.55 -6.28 -5.53
CA SER A 61 -17.49 -6.26 -5.64
C SER A 61 -17.23 -7.79 -5.49
C SER A 61 -17.24 -7.79 -5.54
C SER A 61 -17.23 -7.77 -5.65
N VAL A 62 -15.96 -8.18 -5.59
CA VAL A 62 -15.56 -9.60 -5.52
C VAL A 62 -15.86 -10.14 -4.10
N LEU A 63 -15.72 -9.30 -3.06
CA LEU A 63 -16.09 -9.72 -1.70
C LEU A 63 -17.60 -9.68 -1.43
N GLY A 64 -18.40 -9.26 -2.40
CA GLY A 64 -19.85 -9.16 -2.23
C GLY A 64 -20.31 -7.79 -1.76
N ILE A 65 -19.39 -6.79 -1.70
CA ILE A 65 -19.73 -5.45 -1.25
C ILE A 65 -20.17 -4.60 -2.44
N PRO A 66 -21.40 -4.10 -2.47
CA PRO A 66 -21.81 -3.26 -3.60
C PRO A 66 -21.23 -1.83 -3.53
N GLU A 67 -21.37 -1.09 -4.64
CA GLU A 67 -20.89 0.29 -4.80
C GLU A 67 -21.03 1.16 -3.56
N VAL A 68 -19.90 1.71 -3.06
CA VAL A 68 -19.90 2.51 -1.86
C VAL A 68 -18.79 3.56 -1.95
N PRO A 69 -19.03 4.79 -1.44
CA PRO A 69 -17.95 5.80 -1.46
C PRO A 69 -16.79 5.37 -0.56
N ILE A 70 -15.57 5.82 -0.93
CA ILE A 70 -14.38 5.57 -0.12
C ILE A 70 -13.80 6.95 0.21
N LEU A 71 -14.20 7.47 1.36
CA LEU A 71 -13.80 8.80 1.80
C LEU A 71 -12.47 8.75 2.56
N LYS A 72 -11.95 9.91 2.98
CA LYS A 72 -10.67 9.95 3.68
C LYS A 72 -10.85 10.45 5.10
N GLY A 73 -10.15 9.81 6.01
CA GLY A 73 -10.15 10.18 7.41
C GLY A 73 -9.22 11.34 7.71
N ASP A 74 -9.08 11.67 9.01
CA ASP A 74 -8.27 12.80 9.47
C ASP A 74 -6.81 12.73 9.03
N LYS A 75 -6.24 11.53 8.96
CA LYS A 75 -4.85 11.39 8.52
C LYS A 75 -4.70 10.93 7.06
N GLY A 76 -5.75 11.17 6.26
CA GLY A 76 -5.79 10.81 4.84
C GLY A 76 -6.14 9.36 4.52
N GLN A 77 -6.33 8.55 5.55
CA GLN A 77 -6.57 7.13 5.43
C GLN A 77 -7.90 6.83 4.75
N PRO A 78 -7.96 5.83 3.86
CA PRO A 78 -9.26 5.49 3.24
C PRO A 78 -10.21 4.92 4.29
N LEU A 79 -11.52 5.21 4.19
CA LEU A 79 -12.47 4.73 5.19
C LEU A 79 -13.31 3.61 4.57
N TRP A 80 -12.98 2.35 4.93
CA TRP A 80 -13.58 1.16 4.36
C TRP A 80 -14.89 0.82 5.06
N PRO A 81 -15.73 -0.01 4.43
CA PRO A 81 -16.94 -0.46 5.13
C PRO A 81 -16.55 -1.24 6.38
N ASP A 82 -17.51 -1.36 7.30
CA ASP A 82 -17.33 -2.14 8.53
C ASP A 82 -17.00 -3.60 8.15
N GLY A 83 -15.97 -4.15 8.76
CA GLY A 83 -15.52 -5.51 8.49
C GLY A 83 -14.58 -5.66 7.29
N ILE A 84 -14.13 -4.55 6.71
CA ILE A 84 -13.23 -4.57 5.57
C ILE A 84 -11.94 -3.80 5.90
N VAL A 85 -10.82 -4.32 5.42
CA VAL A 85 -9.54 -3.64 5.42
C VAL A 85 -9.08 -3.51 3.95
N GLY A 86 -8.20 -2.56 3.68
CA GLY A 86 -7.76 -2.33 2.31
C GLY A 86 -6.65 -1.33 2.22
N SER A 87 -6.14 -1.20 1.00
CA SER A 87 -5.12 -0.22 0.74
C SER A 87 -5.19 0.23 -0.70
N MET A 88 -4.73 1.46 -0.97
CA MET A 88 -4.73 2.02 -2.32
C MET A 88 -3.43 2.73 -2.57
N THR A 89 -3.05 2.79 -3.85
CA THR A 89 -1.80 3.42 -4.21
C THR A 89 -1.91 3.95 -5.65
N HIS A 90 -1.17 5.02 -5.94
CA HIS A 90 -1.14 5.56 -7.29
C HIS A 90 0.18 6.25 -7.51
N THR A 91 0.72 6.00 -8.70
CA THR A 91 1.92 6.69 -9.16
C THR A 91 1.77 6.80 -10.69
N GLU A 92 2.64 7.56 -11.40
CA GLU A 92 2.48 7.61 -12.86
C GLU A 92 2.62 6.19 -13.47
N GLY A 93 1.59 5.73 -14.19
CA GLY A 93 1.61 4.38 -14.76
C GLY A 93 0.94 3.34 -13.89
N PHE A 94 0.35 3.73 -12.73
CA PHE A 94 -0.25 2.72 -11.87
C PHE A 94 -1.30 3.27 -10.92
N ARG A 95 -2.43 2.59 -10.87
CA ARG A 95 -3.47 2.81 -9.86
C ARG A 95 -3.86 1.41 -9.39
N GLY A 96 -3.86 1.17 -8.09
CA GLY A 96 -4.28 -0.14 -7.63
C GLY A 96 -4.88 -0.15 -6.25
N ALA A 97 -5.71 -1.15 -6.00
CA ALA A 97 -6.34 -1.30 -4.70
C ALA A 97 -6.41 -2.77 -4.33
N VAL A 98 -6.43 -3.04 -3.02
CA VAL A 98 -6.57 -4.40 -2.51
C VAL A 98 -7.48 -4.33 -1.28
N VAL A 99 -8.38 -5.30 -1.13
CA VAL A 99 -9.29 -5.32 0.03
C VAL A 99 -9.38 -6.71 0.59
N GLY A 100 -9.78 -6.80 1.86
CA GLY A 100 -9.95 -8.08 2.52
C GLY A 100 -10.94 -7.99 3.65
N ARG A 101 -11.35 -9.15 4.18
N ARG A 101 -11.41 -9.15 4.16
CA ARG A 101 -12.28 -9.18 5.30
CA ARG A 101 -12.33 -9.14 5.29
C ARG A 101 -11.52 -9.26 6.61
C ARG A 101 -11.57 -9.28 6.60
N THR A 102 -12.02 -8.57 7.65
CA THR A 102 -11.40 -8.60 8.98
C THR A 102 -11.41 -9.98 9.65
N GLY A 103 -12.30 -10.87 9.21
CA GLY A 103 -12.28 -12.24 9.71
C GLY A 103 -11.21 -13.10 9.07
N GLU A 104 -10.60 -12.61 7.97
N GLU A 104 -10.56 -12.62 7.99
CA GLU A 104 -9.63 -13.37 7.21
CA GLU A 104 -9.51 -13.39 7.33
C GLU A 104 -8.20 -12.77 7.30
C GLU A 104 -8.15 -12.78 7.57
N VAL A 105 -8.06 -11.46 7.58
CA VAL A 105 -6.75 -10.78 7.78
C VAL A 105 -6.92 -9.63 8.77
N ARG A 106 -5.79 -9.11 9.33
CA ARG A 106 -5.87 -7.97 10.22
C ARG A 106 -5.73 -6.63 9.50
N SER A 107 -4.80 -6.56 8.53
N SER A 107 -4.86 -6.59 8.50
CA SER A 107 -4.53 -5.31 7.83
CA SER A 107 -4.66 -5.36 7.74
C SER A 107 -3.77 -5.59 6.53
C SER A 107 -3.80 -5.59 6.52
N VAL A 108 -3.81 -4.64 5.60
CA VAL A 108 -3.01 -4.72 4.40
C VAL A 108 -2.58 -3.32 4.01
N GLY A 109 -1.37 -3.21 3.47
CA GLY A 109 -0.84 -1.98 2.92
C GLY A 109 -0.13 -2.30 1.63
N ILE A 110 -0.23 -1.41 0.63
CA ILE A 110 0.50 -1.55 -0.64
C ILE A 110 1.02 -0.17 -1.05
N ASP A 111 2.06 -0.17 -1.89
CA ASP A 111 2.59 1.08 -2.43
C ASP A 111 3.30 0.78 -3.72
N ALA A 112 3.04 1.61 -4.74
CA ALA A 112 3.65 1.49 -6.05
C ALA A 112 4.53 2.69 -6.31
N GLU A 113 5.75 2.44 -6.79
CA GLU A 113 6.70 3.50 -7.11
C GLU A 113 7.29 3.23 -8.50
N PRO A 114 7.75 4.27 -9.20
CA PRO A 114 8.53 4.02 -10.43
C PRO A 114 9.87 3.35 -10.07
N HIS A 115 10.32 2.40 -10.89
CA HIS A 115 11.60 1.74 -10.63
C HIS A 115 12.73 2.62 -11.11
N ASP A 116 13.04 3.65 -10.33
CA ASP A 116 14.09 4.65 -10.65
C ASP A 116 14.85 4.99 -9.38
N VAL A 117 16.06 5.59 -9.49
CA VAL A 117 16.74 6.08 -8.30
C VAL A 117 15.85 7.11 -7.56
N LEU A 118 16.02 7.20 -6.24
CA LEU A 118 15.29 8.21 -5.48
C LEU A 118 15.77 9.61 -5.91
N PRO A 119 14.93 10.63 -5.77
CA PRO A 119 15.40 12.00 -5.99
C PRO A 119 16.57 12.34 -5.05
N ASN A 120 17.40 13.32 -5.43
CA ASN A 120 18.54 13.72 -4.60
C ASN A 120 18.11 14.05 -3.15
N GLY A 121 18.84 13.55 -2.18
CA GLY A 121 18.59 13.82 -0.77
C GLY A 121 17.54 12.98 -0.07
N VAL A 122 16.69 12.26 -0.82
CA VAL A 122 15.61 11.49 -0.17
C VAL A 122 16.12 10.28 0.63
N LEU A 123 17.11 9.54 0.13
CA LEU A 123 17.62 8.37 0.86
C LEU A 123 18.18 8.79 2.22
N LYS A 124 18.93 9.90 2.26
CA LYS A 124 19.47 10.41 3.52
C LYS A 124 18.37 10.71 4.54
N SER A 125 17.22 11.20 4.08
CA SER A 125 16.09 11.54 4.94
C SER A 125 15.31 10.34 5.43
N ILE A 126 15.18 9.29 4.61
CA ILE A 126 14.33 8.16 4.99
C ILE A 126 15.04 6.95 5.56
N ALA A 127 16.33 6.79 5.31
CA ALA A 127 17.02 5.59 5.73
C ALA A 127 17.80 5.76 7.00
N LEU A 128 17.78 4.71 7.84
CA LEU A 128 18.64 4.65 9.01
C LEU A 128 20.05 4.40 8.47
N PRO A 129 21.08 4.84 9.20
CA PRO A 129 22.46 4.57 8.75
C PRO A 129 22.75 3.10 8.45
N VAL A 130 22.25 2.15 9.28
CA VAL A 130 22.46 0.72 9.04
C VAL A 130 21.75 0.30 7.73
N GLU A 131 20.56 0.87 7.44
CA GLU A 131 19.87 0.55 6.19
C GLU A 131 20.69 0.97 4.99
N ARG A 132 21.35 2.12 5.07
CA ARG A 132 22.21 2.57 3.96
C ARG A 132 23.34 1.59 3.68
N ASP A 133 23.97 1.06 4.74
CA ASP A 133 25.01 0.05 4.57
C ASP A 133 24.44 -1.23 3.98
N GLU A 134 23.26 -1.66 4.48
CA GLU A 134 22.64 -2.87 3.97
C GLU A 134 22.34 -2.79 2.46
N LEU A 135 21.78 -1.66 2.02
CA LEU A 135 21.43 -1.49 0.60
C LEU A 135 22.67 -1.55 -0.28
N ASP A 136 23.79 -0.95 0.17
CA ASP A 136 25.04 -0.99 -0.59
C ASP A 136 25.59 -2.40 -0.78
N ALA A 137 25.26 -3.33 0.14
CA ALA A 137 25.72 -4.72 0.04
C ALA A 137 24.82 -5.61 -0.82
N LEU A 138 23.64 -5.14 -1.22
CA LEU A 138 22.72 -5.94 -2.04
C LEU A 138 23.22 -6.04 -3.50
N PRO A 139 22.80 -7.08 -4.25
CA PRO A 139 23.30 -7.25 -5.62
C PRO A 139 22.97 -6.11 -6.56
N ALA A 140 23.88 -5.82 -7.49
CA ALA A 140 23.65 -4.75 -8.45
C ALA A 140 22.52 -5.12 -9.41
N GLY A 141 21.85 -4.12 -9.95
CA GLY A 141 20.78 -4.34 -10.91
C GLY A 141 19.37 -3.95 -10.48
N THR A 142 19.20 -3.49 -9.23
CA THR A 142 17.89 -3.07 -8.72
C THR A 142 18.05 -1.75 -7.97
N HIS A 143 17.07 -0.85 -8.09
CA HIS A 143 17.13 0.41 -7.37
C HIS A 143 16.68 0.17 -5.92
N TRP A 144 17.62 -0.33 -5.10
CA TRP A 144 17.30 -0.68 -3.70
C TRP A 144 16.82 0.50 -2.85
N ASP A 145 17.30 1.71 -3.16
CA ASP A 145 16.89 2.93 -2.46
C ASP A 145 15.39 3.19 -2.62
N ARG A 146 14.91 3.10 -3.86
CA ARG A 146 13.50 3.28 -4.16
C ARG A 146 12.68 2.15 -3.55
N LEU A 147 13.21 0.93 -3.54
CA LEU A 147 12.50 -0.21 -2.98
C LEU A 147 12.36 -0.01 -1.48
N LEU A 148 13.42 0.46 -0.80
CA LEU A 148 13.33 0.75 0.64
C LEU A 148 12.25 1.80 0.95
N PHE A 149 12.21 2.90 0.19
CA PHE A 149 11.22 3.97 0.39
C PHE A 149 9.81 3.40 0.19
N CYS A 150 9.62 2.62 -0.88
CA CYS A 150 8.34 1.99 -1.18
C CYS A 150 7.90 1.10 0.01
N ALA A 151 8.83 0.24 0.45
CA ALA A 151 8.54 -0.70 1.57
C ALA A 151 8.20 0.06 2.86
N LYS A 152 8.85 1.20 3.10
CA LYS A 152 8.55 1.97 4.31
C LYS A 152 7.18 2.63 4.24
N GLU A 153 6.75 3.05 3.05
CA GLU A 153 5.42 3.64 2.91
C GLU A 153 4.37 2.54 3.11
N THR A 154 4.62 1.33 2.57
CA THR A 154 3.71 0.20 2.76
C THR A 154 3.62 -0.15 4.25
N THR A 155 4.76 -0.05 4.95
CA THR A 155 4.76 -0.32 6.40
C THR A 155 3.81 0.59 7.17
N TYR A 156 3.85 1.93 6.92
N TYR A 156 3.85 1.90 6.90
CA TYR A 156 2.94 2.83 7.62
CA TYR A 156 2.95 2.84 7.57
C TYR A 156 1.49 2.54 7.22
C TYR A 156 1.50 2.53 7.21
N LYS A 157 1.25 2.19 5.93
CA LYS A 157 -0.12 1.90 5.49
C LYS A 157 -0.70 0.68 6.16
N ALA A 158 0.12 -0.34 6.43
CA ALA A 158 -0.39 -1.54 7.14
C ALA A 158 -0.55 -1.25 8.64
N TRP A 159 0.32 -0.42 9.19
CA TRP A 159 0.34 -0.07 10.61
C TRP A 159 -0.79 0.84 11.04
N PHE A 160 -1.06 1.93 10.30
CA PHE A 160 -2.02 2.97 10.70
C PHE A 160 -3.41 2.41 11.01
N PRO A 161 -4.00 1.53 10.17
CA PRO A 161 -5.35 1.02 10.47
C PRO A 161 -5.41 0.26 11.79
N LEU A 162 -4.26 -0.25 12.29
CA LEU A 162 -4.24 -1.01 13.53
C LEU A 162 -3.90 -0.19 14.75
N THR A 163 -3.19 0.94 14.58
CA THR A 163 -2.72 1.73 15.72
C THR A 163 -3.27 3.15 15.79
N ALA A 164 -3.71 3.72 14.65
CA ALA A 164 -4.13 5.12 14.59
C ALA A 164 -3.01 6.07 15.03
N ARG A 165 -1.75 5.66 14.84
CA ARG A 165 -0.59 6.49 15.20
C ARG A 165 0.35 6.71 14.02
N TRP A 166 1.13 7.77 14.09
CA TRP A 166 2.16 8.09 13.12
C TRP A 166 3.27 7.03 13.17
N LEU A 167 3.87 6.71 12.01
CA LEU A 167 5.02 5.84 11.96
C LEU A 167 5.94 6.56 11.03
N GLY A 168 6.99 7.17 11.57
CA GLY A 168 7.94 7.89 10.74
C GLY A 168 8.91 6.97 10.04
N PHE A 169 9.65 7.50 9.04
CA PHE A 169 10.62 6.67 8.33
C PHE A 169 11.71 6.14 9.28
N GLU A 170 12.05 6.91 10.31
CA GLU A 170 13.08 6.51 11.27
C GLU A 170 12.55 5.54 12.34
N ASP A 171 11.23 5.24 12.33
CA ASP A 171 10.60 4.39 13.35
C ASP A 171 10.55 2.91 13.02
N ALA A 172 11.06 2.51 11.85
CA ALA A 172 11.08 1.13 11.44
C ALA A 172 12.33 0.84 10.65
N HIS A 173 12.86 -0.38 10.84
CA HIS A 173 14.02 -0.86 10.11
C HIS A 173 13.53 -1.90 9.12
N ILE A 174 13.67 -1.60 7.82
CA ILE A 174 13.28 -2.52 6.76
C ILE A 174 14.51 -3.24 6.22
N THR A 175 14.43 -4.56 6.08
CA THR A 175 15.47 -5.41 5.52
C THR A 175 14.93 -6.04 4.25
N ILE A 176 15.54 -5.73 3.12
N ILE A 176 15.51 -5.70 3.11
CA ILE A 176 15.09 -6.25 1.84
CA ILE A 176 15.08 -6.19 1.80
C ILE A 176 15.83 -7.48 1.41
C ILE A 176 15.84 -7.44 1.37
N ASP A 177 15.11 -8.52 1.03
CA ASP A 177 15.76 -9.74 0.55
C ASP A 177 15.60 -9.76 -0.97
N PRO A 178 16.66 -10.07 -1.72
CA PRO A 178 16.54 -10.16 -3.19
C PRO A 178 15.48 -11.15 -3.71
N ASP A 179 15.01 -12.09 -2.87
CA ASP A 179 14.03 -13.10 -3.28
C ASP A 179 12.58 -12.60 -3.40
N GLY A 180 12.35 -11.30 -3.18
CA GLY A 180 10.99 -10.78 -3.27
C GLY A 180 10.27 -10.66 -1.95
N THR A 181 11.00 -10.75 -0.84
CA THR A 181 10.41 -10.56 0.48
C THR A 181 11.17 -9.43 1.20
N PHE A 182 10.54 -8.89 2.24
CA PHE A 182 11.19 -7.94 3.13
C PHE A 182 10.61 -8.05 4.52
N THR A 183 11.30 -7.51 5.51
CA THR A 183 10.76 -7.46 6.87
C THR A 183 10.81 -6.02 7.39
N SER A 184 9.84 -5.64 8.21
CA SER A 184 9.81 -4.32 8.84
C SER A 184 9.85 -4.54 10.33
N ARG A 185 10.88 -4.04 11.02
CA ARG A 185 10.98 -4.19 12.47
C ARG A 185 10.64 -2.83 13.07
N ILE A 186 9.60 -2.76 13.90
CA ILE A 186 9.14 -1.51 14.49
C ILE A 186 10.04 -1.13 15.67
N LEU A 187 10.57 0.10 15.68
CA LEU A 187 11.49 0.56 16.75
C LEU A 187 10.84 1.43 17.82
N VAL A 188 9.55 1.68 17.72
CA VAL A 188 8.80 2.48 18.67
C VAL A 188 7.75 1.59 19.35
N ASP A 189 6.96 2.14 20.31
CA ASP A 189 5.93 1.39 21.02
C ASP A 189 4.94 0.82 19.99
N GLY A 190 4.72 -0.47 20.05
CA GLY A 190 3.84 -1.13 19.08
C GLY A 190 2.44 -1.41 19.56
N ARG A 191 1.98 -0.76 20.63
CA ARG A 191 0.61 -0.96 21.15
C ARG A 191 -0.45 -0.71 20.06
N ALA A 192 -1.30 -1.70 19.78
CA ALA A 192 -2.37 -1.54 18.79
C ALA A 192 -3.70 -1.14 19.46
N ASN A 193 -4.63 -0.57 18.69
CA ASN A 193 -5.93 -0.12 19.20
C ASN A 193 -6.71 -1.16 19.99
N ASP A 194 -6.56 -2.45 19.65
CA ASP A 194 -7.27 -3.52 20.35
C ASP A 194 -6.49 -4.14 21.53
N GLY A 195 -5.41 -3.50 21.96
CA GLY A 195 -4.62 -4.01 23.07
C GLY A 195 -3.51 -4.98 22.75
N THR A 196 -3.38 -5.39 21.47
CA THR A 196 -2.29 -6.27 21.07
C THR A 196 -0.98 -5.45 20.84
N VAL A 197 0.15 -6.13 20.58
CA VAL A 197 1.42 -5.46 20.32
C VAL A 197 1.94 -5.87 18.95
N LEU A 198 2.30 -4.88 18.12
CA LEU A 198 2.88 -5.10 16.81
C LEU A 198 4.39 -4.84 16.96
N SER A 199 5.21 -5.76 16.48
N SER A 199 5.21 -5.75 16.47
CA SER A 199 6.66 -5.60 16.56
CA SER A 199 6.65 -5.60 16.57
C SER A 199 7.33 -5.74 15.21
C SER A 199 7.33 -5.75 15.22
N ALA A 200 6.78 -6.58 14.33
CA ALA A 200 7.37 -6.81 13.02
C ALA A 200 6.32 -7.17 12.00
N PHE A 201 6.59 -6.83 10.74
CA PHE A 201 5.74 -7.17 9.61
C PHE A 201 6.54 -7.98 8.59
N ASP A 202 5.83 -8.80 7.81
CA ASP A 202 6.44 -9.55 6.72
C ASP A 202 5.87 -8.94 5.44
N GLY A 203 6.76 -8.61 4.50
CA GLY A 203 6.33 -8.01 3.25
C GLY A 203 6.78 -8.77 2.03
N ARG A 204 6.19 -8.41 0.89
CA ARG A 204 6.50 -9.00 -0.40
C ARG A 204 6.69 -7.88 -1.41
N TRP A 205 7.53 -8.11 -2.42
CA TRP A 205 7.79 -7.06 -3.42
C TRP A 205 7.97 -7.63 -4.80
N ILE A 206 7.65 -6.84 -5.82
CA ILE A 206 7.83 -7.26 -7.19
C ILE A 206 8.23 -6.05 -8.03
N ILE A 207 9.06 -6.26 -9.04
CA ILE A 207 9.42 -5.21 -9.97
C ILE A 207 9.02 -5.67 -11.37
N ASP A 208 8.15 -4.92 -12.04
CA ASP A 208 7.67 -5.24 -13.38
C ASP A 208 7.08 -3.99 -14.02
N LYS A 209 7.03 -3.94 -15.37
N LYS A 209 7.08 -3.94 -15.36
CA LYS A 209 6.47 -2.78 -16.07
CA LYS A 209 6.55 -2.81 -16.12
C LYS A 209 7.11 -1.44 -15.65
C LYS A 209 7.12 -1.46 -15.69
N GLY A 210 8.38 -1.46 -15.25
CA GLY A 210 9.05 -0.25 -14.80
C GLY A 210 8.59 0.28 -13.44
N LEU A 211 7.93 -0.57 -12.68
CA LEU A 211 7.36 -0.18 -11.40
C LEU A 211 7.82 -1.11 -10.29
N ILE A 212 7.83 -0.62 -9.06
CA ILE A 212 8.02 -1.45 -7.88
C ILE A 212 6.68 -1.49 -7.16
N LEU A 213 6.26 -2.67 -6.67
N LEU A 213 6.24 -2.68 -6.73
CA LEU A 213 5.06 -2.73 -5.86
CA LEU A 213 5.04 -2.79 -5.91
C LEU A 213 5.34 -3.55 -4.60
C LEU A 213 5.48 -3.49 -4.61
N THR A 214 5.17 -2.92 -3.44
CA THR A 214 5.42 -3.61 -2.16
C THR A 214 4.07 -3.84 -1.47
N ALA A 215 3.97 -4.92 -0.69
CA ALA A 215 2.72 -5.21 0.02
C ALA A 215 3.03 -5.83 1.37
N ILE A 216 2.20 -5.55 2.37
CA ILE A 216 2.32 -6.23 3.65
C ILE A 216 0.91 -6.71 3.98
N VAL A 217 0.76 -7.96 4.41
CA VAL A 217 -0.50 -8.42 4.95
C VAL A 217 -0.18 -8.78 6.41
N VAL A 218 -0.91 -8.20 7.35
CA VAL A 218 -0.75 -8.55 8.77
C VAL A 218 -1.78 -9.69 8.95
N PRO A 219 -1.32 -10.92 9.16
CA PRO A 219 -2.24 -12.06 9.16
C PRO A 219 -3.15 -12.15 10.35
N LYS A 220 -4.19 -12.99 10.21
CA LYS A 220 -5.13 -13.30 11.28
C LYS A 220 -4.35 -13.82 12.52
N LEU A 221 -4.76 -13.39 13.72
CA LEU A 221 -4.12 -13.79 14.97
C LEU A 221 -4.21 -15.30 15.22
N P62 B . 4.15 8.02 8.09
C P62 B . 2.39 9.27 6.36
O P62 B . 2.45 7.40 9.42
C1 P62 B . 1.87 8.70 7.51
C10 P62 B . -0.25 9.03 10.25
C11 P62 B . 1.62 9.78 5.24
C12 P62 B . 2.21 10.32 3.05
C13 P62 B . 0.86 10.26 2.35
C14 P62 B . 0.47 12.66 2.16
C15 P62 B . 1.59 11.51 0.37
C2 P62 B . 2.87 8.04 8.34
C3 P62 B . 4.61 8.63 6.98
C4 P62 B . 0.40 8.76 7.83
C5 P62 B . 0.02 9.62 9.02
C6 P62 B . 0.01 11.00 8.92
C7 P62 B . -0.19 11.78 10.05
C8 P62 B . -0.41 11.17 11.27
C9 P62 B . -0.46 9.80 11.37
N1 P62 B . 3.74 9.25 6.12
N2 P62 B . 2.06 10.67 4.46
N3 P62 B . 0.60 11.39 1.44
S P62 B . 6.27 8.73 6.63
CL P62 B . -0.56 12.15 12.71
H1 P62 B . 3.25 6.99 9.83
H7 P62 B . -0.30 7.94 10.34
H8 P62 B . 0.65 9.29 5.15
H9 P62 B . 2.86 11.06 2.59
H10 P62 B . 2.73 9.37 2.89
H12 P62 B . 0.83 9.33 1.78
H11 P62 B . 0.07 10.12 3.10
H13 P62 B . 0.17 13.45 1.45
H14 P62 B . 1.35 13.02 2.68
H15 P62 B . -0.33 12.61 2.89
H16 P62 B . 1.10 11.80 -0.56
H18 P62 B . 2.17 10.61 0.15
H17 P62 B . 2.30 12.30 0.60
H3 P62 B . 0.04 7.74 7.97
H2 P62 B . -0.20 9.12 6.99
H4 P62 B . 0.17 11.49 7.96
H5 P62 B . -0.19 12.88 9.98
H6 P62 B . -0.67 9.34 12.35
H P62 B . 4.12 9.70 5.29
N1A COA C . -3.04 5.16 6.37
C2A COA C . -3.30 4.27 5.34
N3A COA C . -3.40 4.58 4.05
C4A COA C . -3.34 5.93 3.79
C5A COA C . -3.07 6.92 4.79
C6A COA C . -2.98 6.49 6.15
N6A COA C . -2.80 7.36 7.23
N7A COA C . -3.08 8.19 4.19
C8A COA C . -3.25 7.96 2.84
N9A COA C . -3.43 6.60 2.58
C1B COA C . -3.78 6.03 1.23
C2B COA C . -4.95 6.85 0.54
O2B COA C . -5.91 6.02 0.06
C3B COA C . -4.14 7.57 -0.69
O3B COA C . -4.82 7.64 -1.79
P3B COA C . -6.18 8.75 -1.85
O7A COA C . -6.46 8.78 -3.32
O8A COA C . -5.72 10.04 -1.24
O9A COA C . -7.22 8.02 -1.05
C4B COA C . -2.99 6.60 -0.80
O4B COA C . -2.61 6.13 0.50
C5B COA C . -1.78 7.30 -1.44
O5B COA C . -1.07 6.24 -1.77
P1A COA C . 0.43 6.52 -2.69
O1A COA C . -0.15 7.13 -3.89
O2A COA C . 1.32 7.40 -1.84
O3A COA C . 1.03 5.14 -2.86
H2A COA C . -3.33 3.37 5.56
H61A COA C . -2.21 7.99 7.23
H62A COA C . -3.21 7.36 7.98
H8A COA C . -3.32 8.61 2.17
H1B COA C . -4.08 5.13 1.40
H2B COA C . -5.23 7.67 0.98
HO2A COA C . -6.47 5.82 0.65
H3B COA C . -3.90 8.39 -0.22
H4B COA C . -3.26 5.87 -1.38
H51A COA C . -1.41 7.91 -0.79
H52A COA C . -2.16 7.83 -2.17
MN MN D . -0.02 8.56 -5.38
MN MN E . 4.86 5.45 -2.66
#